data_2XPY
#
_entry.id   2XPY
#
_cell.length_a   159.556
_cell.length_b   159.556
_cell.length_c   76.832
_cell.angle_alpha   90.00
_cell.angle_beta   90.00
_cell.angle_gamma   120.00
#
_symmetry.space_group_name_H-M   'P 32 2 1'
#
loop_
_entity.id
_entity.type
_entity.pdbx_description
1 polymer 'LEUKOTRIENE A-4 HYDROLASE'
2 non-polymer GLYCEROL
3 non-polymer 'ZINC ION'
4 non-polymer GLUTATHIONE
5 water water
#
_entity_poly.entity_id   1
_entity_poly.type   'polypeptide(L)'
_entity_poly.pdbx_seq_one_letter_code
;MLPLSIEQRRPSRSPEYDQSTLSNYKDFAVLHTDLNLSVSFEKSAISGSVTFQLKKLHEGKNKSDELHLDTSYLDVQEVH
IDGSKADFQIEQRKEPLGSRLVINNASCNDNFTLNIQFRTTDKCTALQWLNSKQTKGGKPYVFSQLEAIHARSLFPCFDT
PSVKSTFTASIESPLPVVFSGIRIEDTSKDTNIYRFEQKVPIPAYLIGIASGDLSSAPIGPRSTVYTEPFRLKDCQWEFE
NDVEKFIQTAEKIIFEYEWGTYDILVNVDSYPYGGMESPNMTFATPTLIAHDRSNIDVIAHELAHSWSGNLVTNCSWNHF
WLNEGWTVYLERRIIGAIHGEPTRHFSALIGWSDLQNSIDSMKDPERFSTLVQNLNDNTDPDDAFSTVPYEKGFNLLFHL
ETILGGKAEFDPFIRHYFKKFAKKSLDTFQFLDTLYEFYPEKKEILDSVDWETWLYKPGMPPRPHFITALADNVYQLADK
WVEMAQHLKTTEDFRSEFNAIDIKDFNSNQLVLFLETLTQNGHSNKKPKDFDWAKFPVASRALLDIYQDNIVKSQNAEVV
FKMFKFQIFAKLQEEYKHLADWLGTVGRMKFVRPGYRLLNSVDRRLALATFDKFKDTYHPICKALVKQDLGL
;
_entity_poly.pdbx_strand_id   A
#
# COMPACT_ATOMS: atom_id res chain seq x y z
N MET A 1 15.69 10.33 28.55
CA MET A 1 16.37 9.06 28.82
C MET A 1 17.24 8.56 27.66
N LEU A 2 17.16 9.23 26.52
CA LEU A 2 17.77 8.77 25.27
C LEU A 2 19.26 8.97 25.15
N PRO A 3 19.91 8.11 24.34
CA PRO A 3 21.32 8.21 23.96
C PRO A 3 21.62 9.51 23.21
N LEU A 4 22.84 10.03 23.34
CA LEU A 4 23.20 11.31 22.71
C LEU A 4 23.10 11.25 21.19
N SER A 5 23.46 10.11 20.63
CA SER A 5 23.50 9.93 19.18
C SER A 5 22.21 10.39 18.49
N ILE A 6 21.10 10.37 19.22
CA ILE A 6 19.83 10.78 18.65
C ILE A 6 19.18 11.93 19.40
N GLU A 7 19.70 12.27 20.58
CA GLU A 7 19.25 13.44 21.29
C GLU A 7 19.71 14.69 20.53
N GLN A 8 20.90 14.61 19.94
CA GLN A 8 21.43 15.70 19.14
C GLN A 8 20.54 15.99 17.91
N ARG A 9 19.90 14.95 17.38
CA ARG A 9 19.03 15.10 16.22
C ARG A 9 17.67 15.69 16.58
N ARG A 10 17.34 15.68 17.87
CA ARG A 10 15.97 15.98 18.30
C ARG A 10 15.59 17.43 18.06
N PRO A 11 14.44 17.63 17.41
CA PRO A 11 13.84 18.92 17.07
C PRO A 11 13.35 19.70 18.30
N SER A 12 13.15 21.00 18.13
CA SER A 12 12.74 21.85 19.24
C SER A 12 11.33 21.50 19.74
N ARG A 13 10.40 21.28 18.81
CA ARG A 13 9.08 20.74 19.15
C ARG A 13 8.88 19.41 18.44
N SER A 14 8.16 18.50 19.09
CA SER A 14 7.61 17.31 18.44
C SER A 14 6.10 17.40 18.61
N PRO A 15 5.33 16.90 17.62
CA PRO A 15 5.77 16.24 16.39
C PRO A 15 6.56 17.16 15.47
N GLU A 16 7.67 16.63 14.95
CA GLU A 16 8.56 17.38 14.07
C GLU A 16 7.71 18.06 13.03
N TYR A 17 8.10 19.28 12.65
CA TYR A 17 7.38 20.04 11.64
C TYR A 17 7.42 19.32 10.30
N ASP A 18 6.33 19.42 9.53
CA ASP A 18 6.22 18.74 8.25
C ASP A 18 6.55 19.70 7.09
N GLN A 19 7.77 19.59 6.56
CA GLN A 19 8.22 20.48 5.48
C GLN A 19 7.40 20.35 4.18
N SER A 20 6.73 19.22 4.01
CA SER A 20 5.98 18.93 2.78
C SER A 20 4.62 19.63 2.68
N THR A 21 4.31 20.55 3.61
CA THR A 21 3.06 21.32 3.54
C THR A 21 3.35 22.82 3.52
N LEU A 22 2.55 23.54 2.74
CA LEU A 22 2.63 25.00 2.67
C LEU A 22 1.66 25.66 3.64
N SER A 23 0.81 24.84 4.27
CA SER A 23 -0.25 25.32 5.15
C SER A 23 0.32 25.63 6.52
N ASN A 24 -0.32 26.53 7.25
CA ASN A 24 0.13 26.83 8.61
C ASN A 24 -0.66 25.99 9.60
N TYR A 25 -0.53 24.67 9.52
CA TYR A 25 -1.35 23.75 10.32
C TYR A 25 -1.15 23.88 11.82
N LYS A 26 0.07 24.23 12.23
CA LYS A 26 0.38 24.34 13.66
C LYS A 26 -0.54 25.31 14.37
N ASP A 27 -1.14 26.24 13.62
CA ASP A 27 -1.86 27.38 14.22
C ASP A 27 -3.35 27.13 14.40
N PHE A 28 -3.81 25.92 14.13
CA PHE A 28 -5.24 25.64 14.18
C PHE A 28 -5.48 24.30 14.79
N ALA A 29 -6.67 24.12 15.33
CA ALA A 29 -7.17 22.80 15.59
C ALA A 29 -8.31 22.65 14.60
N VAL A 30 -8.30 21.56 13.84
CA VAL A 30 -9.41 21.30 12.94
C VAL A 30 -10.51 20.51 13.68
N LEU A 31 -11.58 21.20 14.04
CA LEU A 31 -12.61 20.55 14.84
C LEU A 31 -13.44 19.61 13.99
N HIS A 32 -13.63 19.97 12.72
CA HIS A 32 -14.39 19.12 11.81
C HIS A 32 -14.26 19.54 10.36
N THR A 33 -14.32 18.56 9.46
CA THR A 33 -14.25 18.83 8.03
C THR A 33 -15.46 18.24 7.34
N ASP A 34 -16.12 19.04 6.52
CA ASP A 34 -17.26 18.55 5.76
C ASP A 34 -16.98 18.67 4.28
N LEU A 35 -17.14 17.56 3.56
CA LEU A 35 -16.96 17.57 2.12
C LEU A 35 -18.30 17.49 1.41
N ASN A 36 -18.57 18.49 0.57
CA ASN A 36 -19.73 18.45 -0.30
C ASN A 36 -19.37 18.35 -1.77
N LEU A 37 -19.55 17.16 -2.33
CA LEU A 37 -19.01 16.87 -3.66
C LEU A 37 -20.03 16.41 -4.69
N SER A 38 -19.72 16.67 -5.96
CA SER A 38 -20.47 16.13 -7.07
C SER A 38 -19.50 15.55 -8.10
N VAL A 39 -19.72 14.30 -8.49
CA VAL A 39 -18.88 13.65 -9.50
C VAL A 39 -19.42 13.81 -10.92
N SER A 40 -18.53 14.17 -11.84
CA SER A 40 -18.90 14.26 -13.24
C SER A 40 -17.98 13.38 -14.09
N PHE A 41 -18.49 12.24 -14.55
CA PHE A 41 -17.70 11.44 -15.48
C PHE A 41 -17.66 12.18 -16.81
N GLU A 42 -18.75 12.89 -17.11
CA GLU A 42 -18.79 13.68 -18.32
C GLU A 42 -17.51 14.53 -18.40
N LYS A 43 -17.27 15.36 -17.39
CA LYS A 43 -16.08 16.22 -17.42
C LYS A 43 -14.84 15.63 -16.75
N SER A 44 -14.95 14.41 -16.22
CA SER A 44 -13.87 13.74 -15.48
C SER A 44 -13.24 14.66 -14.42
N ALA A 45 -14.11 15.23 -13.60
CA ALA A 45 -13.69 16.18 -12.59
C ALA A 45 -14.72 16.15 -11.46
N ILE A 46 -14.27 16.58 -10.27
CA ILE A 46 -15.07 16.60 -9.05
C ILE A 46 -15.28 18.03 -8.52
N SER A 47 -16.50 18.32 -8.08
CA SER A 47 -16.91 19.70 -7.74
C SER A 47 -17.60 19.79 -6.41
N GLY A 48 -17.64 20.98 -5.84
CA GLY A 48 -18.34 21.20 -4.59
C GLY A 48 -17.64 22.18 -3.68
N SER A 49 -17.74 21.94 -2.38
CA SER A 49 -17.10 22.80 -1.39
C SER A 49 -16.68 22.01 -0.18
N VAL A 50 -15.61 22.45 0.47
CA VAL A 50 -15.16 21.89 1.73
C VAL A 50 -15.41 22.91 2.83
N THR A 51 -15.90 22.44 3.97
CA THR A 51 -16.22 23.31 5.10
C THR A 51 -15.47 22.89 6.37
N PHE A 52 -14.51 23.71 6.81
CA PHE A 52 -13.76 23.44 8.03
C PHE A 52 -14.29 24.26 9.19
N GLN A 53 -14.40 23.66 10.36
CA GLN A 53 -14.56 24.43 11.59
C GLN A 53 -13.23 24.46 12.28
N LEU A 54 -12.67 25.66 12.40
CA LEU A 54 -11.33 25.81 12.90
C LEU A 54 -11.34 26.54 14.25
N LYS A 55 -10.40 26.17 15.12
CA LYS A 55 -10.09 26.98 16.30
C LYS A 55 -8.67 27.47 16.13
N LYS A 56 -8.47 28.78 16.27
CA LYS A 56 -7.12 29.35 16.28
C LYS A 56 -6.45 28.97 17.59
N LEU A 57 -5.19 28.56 17.50
CA LEU A 57 -4.39 28.23 18.65
C LEU A 57 -3.36 29.33 18.83
N HIS A 58 -2.91 29.53 20.06
CA HIS A 58 -2.01 30.63 20.37
C HIS A 58 -0.86 30.11 21.23
N GLU A 59 0.29 30.78 21.15
CA GLU A 59 1.48 30.38 21.89
C GLU A 59 2.53 31.47 21.79
N GLY A 60 3.01 31.95 22.93
CA GLY A 60 3.97 33.04 22.92
C GLY A 60 3.28 34.36 22.60
N LYS A 61 4.07 35.39 22.32
CA LYS A 61 3.53 36.73 22.19
C LYS A 61 3.96 37.38 20.88
N ASN A 62 3.11 38.28 20.37
CA ASN A 62 3.37 38.99 19.11
C ASN A 62 3.58 38.04 17.92
N LYS A 63 2.62 37.13 17.74
CA LYS A 63 2.67 36.16 16.65
C LYS A 63 1.81 36.56 15.44
N SER A 64 2.14 35.98 14.28
CA SER A 64 1.38 36.22 13.07
C SER A 64 -0.02 35.65 13.23
N ASP A 65 -0.98 36.20 12.48
CA ASP A 65 -2.32 35.61 12.44
C ASP A 65 -2.71 35.34 10.97
N GLU A 66 -2.42 34.13 10.50
CA GLU A 66 -2.55 33.78 9.08
C GLU A 66 -3.54 32.63 8.81
N LEU A 67 -3.83 32.38 7.55
CA LEU A 67 -4.61 31.20 7.17
C LEU A 67 -4.12 30.70 5.82
N HIS A 68 -3.31 29.64 5.83
CA HIS A 68 -2.69 29.10 4.61
C HIS A 68 -3.13 27.66 4.37
N LEU A 69 -3.66 27.36 3.18
CA LEU A 69 -4.00 25.97 2.87
C LEU A 69 -3.17 25.48 1.71
N ASP A 70 -3.09 24.16 1.54
CA ASP A 70 -2.42 23.57 0.39
C ASP A 70 -3.42 23.38 -0.74
N THR A 71 -2.98 23.64 -1.98
CA THR A 71 -3.70 23.23 -3.19
C THR A 71 -2.72 22.78 -4.27
N SER A 72 -3.07 21.77 -5.04
CA SER A 72 -2.31 21.43 -6.25
C SER A 72 -3.23 21.34 -7.46
N TYR A 73 -2.98 22.17 -8.46
CA TYR A 73 -3.80 22.21 -9.68
C TYR A 73 -5.30 22.17 -9.38
N LEU A 74 -5.75 23.11 -8.56
CA LEU A 74 -7.12 23.15 -8.07
C LEU A 74 -7.76 24.49 -8.42
N ASP A 75 -9.02 24.46 -8.85
CA ASP A 75 -9.72 25.68 -9.21
C ASP A 75 -10.53 26.18 -8.03
N VAL A 76 -10.04 27.23 -7.39
CA VAL A 76 -10.65 27.75 -6.18
C VAL A 76 -11.63 28.87 -6.53
N GLN A 77 -12.91 28.53 -6.54
CA GLN A 77 -13.92 29.43 -7.06
C GLN A 77 -14.29 30.55 -6.07
N GLU A 78 -14.53 30.23 -4.81
CA GLU A 78 -14.72 31.29 -3.80
C GLU A 78 -14.62 30.84 -2.35
N VAL A 79 -14.50 31.82 -1.46
CA VAL A 79 -14.14 31.54 -0.08
C VAL A 79 -15.01 32.31 0.90
N HIS A 80 -15.63 31.58 1.82
CA HIS A 80 -16.48 32.21 2.81
C HIS A 80 -16.05 31.81 4.23
N ILE A 81 -15.88 32.82 5.07
CA ILE A 81 -15.64 32.63 6.48
C ILE A 81 -16.86 33.19 7.23
N ASP A 82 -17.48 32.36 8.06
CA ASP A 82 -18.69 32.74 8.81
C ASP A 82 -19.75 33.41 7.92
N GLY A 83 -19.95 32.83 6.73
CA GLY A 83 -20.97 33.28 5.80
C GLY A 83 -20.69 34.59 5.11
N SER A 84 -19.42 34.89 4.85
CA SER A 84 -19.05 36.15 4.22
C SER A 84 -17.88 35.96 3.27
N LYS A 85 -17.95 36.56 2.08
CA LYS A 85 -16.81 36.50 1.16
C LYS A 85 -15.55 36.96 1.90
N ALA A 86 -14.49 36.17 1.79
CA ALA A 86 -13.19 36.57 2.32
C ALA A 86 -12.23 36.66 1.15
N ASP A 87 -11.42 37.72 1.11
CA ASP A 87 -10.47 37.91 0.03
C ASP A 87 -9.46 36.79 0.05
N PHE A 88 -9.10 36.28 -1.12
CA PHE A 88 -8.07 35.23 -1.17
C PHE A 88 -7.18 35.30 -2.40
N GLN A 89 -6.03 34.62 -2.31
CA GLN A 89 -5.05 34.55 -3.39
C GLN A 89 -4.44 33.18 -3.43
N ILE A 90 -4.29 32.63 -4.63
CA ILE A 90 -3.56 31.41 -4.84
C ILE A 90 -2.16 31.82 -5.25
N GLU A 91 -1.14 31.46 -4.48
CA GLU A 91 0.21 31.87 -4.83
C GLU A 91 0.71 31.13 -6.05
N GLN A 92 1.86 31.57 -6.56
CA GLN A 92 2.40 30.98 -7.77
C GLN A 92 2.89 29.58 -7.47
N ARG A 93 2.35 28.60 -8.21
CA ARG A 93 2.74 27.21 -7.98
C ARG A 93 4.26 27.02 -7.92
N LYS A 94 4.73 26.27 -6.93
CA LYS A 94 6.16 25.92 -6.83
C LYS A 94 6.24 24.41 -6.78
N GLU A 95 7.40 23.84 -7.07
CA GLU A 95 7.51 22.38 -7.10
C GLU A 95 8.35 21.90 -5.91
N PRO A 96 8.02 20.71 -5.37
CA PRO A 96 6.92 19.81 -5.76
C PRO A 96 5.63 20.03 -4.97
N LEU A 97 5.63 21.00 -4.04
CA LEU A 97 4.57 21.13 -3.03
C LEU A 97 3.24 21.82 -3.45
N GLY A 98 3.20 22.47 -4.61
CA GLY A 98 1.97 23.05 -5.11
C GLY A 98 1.78 24.54 -4.88
N SER A 99 0.52 24.93 -4.70
CA SER A 99 0.10 26.33 -4.69
C SER A 99 -0.53 26.72 -3.36
N ARG A 100 0.16 27.50 -2.54
CA ARG A 100 -0.44 27.97 -1.29
C ARG A 100 -1.66 28.87 -1.51
N LEU A 101 -2.76 28.50 -0.88
CA LEU A 101 -3.99 29.29 -0.85
C LEU A 101 -3.97 30.22 0.37
N VAL A 102 -3.78 31.52 0.14
CA VAL A 102 -3.71 32.49 1.24
C VAL A 102 -5.06 33.21 1.42
N ILE A 103 -5.59 33.15 2.63
CA ILE A 103 -6.91 33.68 2.88
C ILE A 103 -6.83 34.76 3.94
N ASN A 104 -7.38 35.92 3.59
CA ASN A 104 -7.42 37.07 4.48
C ASN A 104 -8.64 36.92 5.39
N ASN A 105 -8.38 36.47 6.62
CA ASN A 105 -9.42 36.25 7.63
C ASN A 105 -9.75 37.50 8.44
N ALA A 106 -10.84 38.17 8.09
CA ALA A 106 -11.21 39.46 8.67
C ALA A 106 -11.99 39.33 9.97
N SER A 107 -12.12 38.09 10.44
CA SER A 107 -12.95 37.75 11.61
C SER A 107 -12.29 38.10 12.93
N CYS A 108 -13.10 38.23 13.97
CA CYS A 108 -12.63 38.47 15.32
C CYS A 108 -12.42 37.16 16.07
N ASN A 109 -13.37 36.24 15.94
CA ASN A 109 -13.40 35.06 16.78
C ASN A 109 -12.29 34.03 16.50
N ASP A 110 -11.82 33.37 17.56
CA ASP A 110 -10.83 32.31 17.43
C ASP A 110 -11.48 31.05 16.84
N ASN A 111 -12.79 30.93 16.95
CA ASN A 111 -13.53 29.85 16.30
C ASN A 111 -14.28 30.38 15.09
N PHE A 112 -14.08 29.76 13.94
CA PHE A 112 -14.79 30.19 12.75
C PHE A 112 -15.06 29.04 11.81
N THR A 113 -15.88 29.31 10.81
CA THR A 113 -16.27 28.30 9.84
C THR A 113 -15.72 28.76 8.52
N LEU A 114 -14.87 27.92 7.93
CA LEU A 114 -14.24 28.20 6.65
C LEU A 114 -14.86 27.35 5.55
N ASN A 115 -15.35 28.00 4.49
CA ASN A 115 -15.97 27.30 3.37
C ASN A 115 -15.32 27.68 2.05
N ILE A 116 -14.86 26.68 1.32
CA ILE A 116 -14.19 26.92 0.04
C ILE A 116 -14.85 26.13 -1.07
N GLN A 117 -15.28 26.82 -2.12
CA GLN A 117 -15.84 26.17 -3.29
C GLN A 117 -14.75 25.98 -4.33
N PHE A 118 -14.72 24.80 -4.93
CA PHE A 118 -13.65 24.44 -5.86
C PHE A 118 -14.11 23.41 -6.90
N ARG A 119 -13.30 23.28 -7.94
CA ARG A 119 -13.45 22.24 -8.94
C ARG A 119 -12.07 21.64 -9.07
N THR A 120 -11.98 20.33 -9.29
CA THR A 120 -10.72 19.74 -9.70
C THR A 120 -10.40 20.14 -11.14
N THR A 121 -9.13 20.07 -11.52
CA THR A 121 -8.69 20.50 -12.83
C THR A 121 -8.44 19.26 -13.69
N ASP A 122 -8.25 19.47 -14.99
CA ASP A 122 -7.82 18.44 -15.91
C ASP A 122 -6.37 18.03 -15.59
N LYS A 123 -5.71 18.75 -14.68
CA LYS A 123 -4.38 18.37 -14.22
C LYS A 123 -4.41 17.80 -12.80
N CYS A 124 -5.61 17.54 -12.29
CA CYS A 124 -5.76 16.98 -10.96
C CYS A 124 -5.03 15.64 -10.82
N THR A 125 -4.30 15.51 -9.72
CA THR A 125 -3.47 14.35 -9.46
C THR A 125 -4.12 13.30 -8.56
N ALA A 126 -5.25 13.68 -7.97
CA ALA A 126 -5.87 12.91 -6.89
C ALA A 126 -6.77 11.82 -7.41
N LEU A 127 -7.31 12.00 -8.61
CA LEU A 127 -8.35 11.12 -9.11
C LEU A 127 -7.90 10.31 -10.31
N GLN A 128 -8.38 9.08 -10.37
CA GLN A 128 -8.09 8.17 -11.46
C GLN A 128 -9.41 7.83 -12.14
N TRP A 129 -9.53 8.15 -13.43
CA TRP A 129 -10.76 7.87 -14.15
C TRP A 129 -10.57 6.76 -15.18
N LEU A 130 -11.61 5.99 -15.38
CA LEU A 130 -11.60 4.93 -16.37
C LEU A 130 -12.92 4.93 -17.17
N ASN A 131 -12.82 4.71 -18.49
CA ASN A 131 -13.99 4.61 -19.35
C ASN A 131 -14.59 3.21 -19.39
N SER A 132 -15.73 3.06 -20.06
CA SER A 132 -16.44 1.80 -20.04
C SER A 132 -15.70 0.70 -20.77
N LYS A 133 -14.72 1.07 -21.58
CA LYS A 133 -13.91 0.11 -22.30
C LYS A 133 -12.80 -0.42 -21.38
N GLN A 134 -12.70 0.17 -20.20
CA GLN A 134 -11.66 -0.18 -19.24
C GLN A 134 -12.22 -0.84 -17.98
N THR A 135 -13.51 -1.17 -18.02
CA THR A 135 -14.11 -1.99 -16.98
C THR A 135 -14.84 -3.19 -17.60
N LYS A 136 -14.82 -4.33 -16.92
CA LYS A 136 -15.58 -5.49 -17.37
C LYS A 136 -17.09 -5.25 -17.23
N GLY A 137 -17.50 -4.51 -16.20
CA GLY A 137 -18.90 -4.22 -15.98
C GLY A 137 -19.57 -3.57 -17.17
N GLY A 138 -18.86 -2.64 -17.81
CA GLY A 138 -19.39 -1.95 -18.97
C GLY A 138 -19.58 -0.46 -18.74
N LYS A 139 -19.68 -0.09 -17.46
CA LYS A 139 -19.86 1.30 -17.05
C LYS A 139 -18.57 1.88 -16.48
N PRO A 140 -18.48 3.23 -16.43
CA PRO A 140 -17.26 3.94 -16.00
C PRO A 140 -16.97 3.84 -14.50
N TYR A 141 -15.84 4.42 -14.07
CA TYR A 141 -15.34 4.24 -12.71
C TYR A 141 -14.36 5.35 -12.34
N VAL A 142 -14.44 5.81 -11.11
CA VAL A 142 -13.44 6.73 -10.59
C VAL A 142 -13.03 6.34 -9.16
N PHE A 143 -11.75 6.47 -8.85
CA PHE A 143 -11.29 6.22 -7.49
C PHE A 143 -10.16 7.21 -7.16
N SER A 144 -10.04 7.54 -5.88
CA SER A 144 -9.01 8.46 -5.42
C SER A 144 -7.73 7.72 -5.04
N GLN A 145 -6.62 8.44 -5.08
CA GLN A 145 -5.35 7.94 -4.62
C GLN A 145 -4.60 9.10 -3.98
N LEU A 146 -4.73 9.27 -2.67
CA LEU A 146 -4.27 10.50 -2.03
C LEU A 146 -2.82 10.52 -1.50
N GLU A 147 -2.33 9.39 -0.99
CA GLU A 147 -0.99 9.34 -0.40
C GLU A 147 0.07 9.54 -1.49
N ALA A 148 1.07 10.38 -1.26
CA ALA A 148 1.29 11.08 0.01
C ALA A 148 0.62 12.46 0.10
N ILE A 149 0.86 13.30 -0.90
CA ILE A 149 0.38 14.68 -0.84
C ILE A 149 -0.53 15.08 -2.01
N HIS A 150 -1.48 14.21 -2.34
CA HIS A 150 -2.39 14.51 -3.44
C HIS A 150 -3.76 14.98 -2.97
N ALA A 151 -4.06 14.82 -1.68
CA ALA A 151 -5.32 15.32 -1.15
C ALA A 151 -5.50 16.81 -1.49
N ARG A 152 -4.41 17.57 -1.45
CA ARG A 152 -4.40 19.00 -1.81
C ARG A 152 -4.78 19.26 -3.27
N SER A 153 -4.82 18.19 -4.08
CA SER A 153 -5.24 18.29 -5.47
C SER A 153 -6.69 17.84 -5.63
N LEU A 154 -7.28 17.37 -4.53
CA LEU A 154 -8.68 16.99 -4.51
C LEU A 154 -9.54 18.08 -3.86
N PHE A 155 -9.06 18.65 -2.76
CA PHE A 155 -9.72 19.78 -2.11
C PHE A 155 -8.70 20.61 -1.33
N PRO A 156 -8.98 21.90 -1.15
CA PRO A 156 -8.04 22.70 -0.37
C PRO A 156 -8.09 22.20 1.07
N CYS A 157 -6.95 22.11 1.73
CA CYS A 157 -6.91 21.51 3.04
C CYS A 157 -5.52 21.66 3.64
N PHE A 158 -5.39 21.29 4.92
CA PHE A 158 -4.09 21.19 5.58
C PHE A 158 -3.53 19.81 5.26
N ASP A 159 -2.82 19.71 4.15
CA ASP A 159 -2.41 18.42 3.59
C ASP A 159 -1.14 17.88 4.25
N THR A 160 -1.24 17.54 5.54
CA THR A 160 -0.16 16.89 6.28
C THR A 160 -0.74 15.90 7.27
N PRO A 161 -0.06 14.76 7.43
CA PRO A 161 -0.51 13.68 8.31
C PRO A 161 -0.51 14.08 9.79
N SER A 162 0.02 15.27 10.10
CA SER A 162 0.02 15.83 11.44
C SER A 162 -1.35 16.33 11.79
N VAL A 163 -2.19 16.54 10.78
CA VAL A 163 -3.54 17.05 11.00
C VAL A 163 -4.61 15.99 10.78
N LYS A 164 -5.39 15.72 11.82
CA LYS A 164 -6.46 14.74 11.73
C LYS A 164 -7.80 15.34 12.13
N SER A 165 -8.82 15.00 11.34
CA SER A 165 -10.14 15.61 11.50
C SER A 165 -11.19 14.55 11.32
N THR A 166 -12.25 14.64 12.10
CA THR A 166 -13.44 13.84 11.84
C THR A 166 -14.00 14.35 10.53
N PHE A 167 -14.72 13.51 9.80
CA PHE A 167 -15.30 13.95 8.53
C PHE A 167 -16.80 13.73 8.44
N THR A 168 -17.45 14.53 7.61
CA THR A 168 -18.76 14.19 7.05
C THR A 168 -18.69 14.40 5.55
N ALA A 169 -19.43 13.63 4.78
CA ALA A 169 -19.42 13.80 3.33
C ALA A 169 -20.80 13.61 2.70
N SER A 170 -21.14 14.47 1.77
CA SER A 170 -22.26 14.24 0.86
C SER A 170 -21.75 14.21 -0.56
N ILE A 171 -21.76 13.03 -1.17
CA ILE A 171 -21.30 12.87 -2.54
C ILE A 171 -22.44 12.52 -3.51
N GLU A 172 -22.62 13.35 -4.54
CA GLU A 172 -23.65 13.13 -5.56
C GLU A 172 -23.01 12.54 -6.79
N SER A 173 -23.57 11.44 -7.29
CA SER A 173 -22.99 10.73 -8.42
C SER A 173 -23.99 9.82 -9.11
N PRO A 174 -23.97 9.82 -10.45
CA PRO A 174 -24.85 8.98 -11.27
C PRO A 174 -24.83 7.54 -10.77
N LEU A 175 -23.63 6.98 -10.66
CA LEU A 175 -23.43 5.64 -10.13
C LEU A 175 -23.18 5.67 -8.62
N PRO A 176 -23.32 4.51 -7.96
CA PRO A 176 -23.08 4.39 -6.52
C PRO A 176 -21.70 4.88 -6.09
N VAL A 177 -21.64 5.30 -4.81
CA VAL A 177 -20.45 5.87 -4.18
C VAL A 177 -20.04 5.10 -2.92
N VAL A 178 -18.73 4.92 -2.73
CA VAL A 178 -18.19 4.54 -1.43
C VAL A 178 -17.12 5.53 -1.01
N PHE A 179 -16.98 5.70 0.30
CA PHE A 179 -16.15 6.74 0.89
C PHE A 179 -15.41 6.14 2.08
N SER A 180 -14.32 6.79 2.50
CA SER A 180 -13.56 6.32 3.65
C SER A 180 -14.26 6.68 4.95
N GLY A 181 -15.50 6.21 5.08
CA GLY A 181 -16.32 6.51 6.24
C GLY A 181 -17.51 5.57 6.28
N ILE A 182 -18.45 5.84 7.19
CA ILE A 182 -19.61 4.95 7.36
C ILE A 182 -20.88 5.59 6.81
N ARG A 183 -21.50 4.93 5.86
CA ARG A 183 -22.64 5.49 5.13
C ARG A 183 -23.87 5.68 6.01
N ILE A 184 -24.46 6.88 5.91
CA ILE A 184 -25.72 7.20 6.60
C ILE A 184 -26.91 6.75 5.76
N GLU A 185 -28.05 6.54 6.41
CA GLU A 185 -29.27 6.13 5.72
C GLU A 185 -30.35 7.21 5.76
N ASP A 190 -32.44 12.86 -2.68
CA ASP A 190 -31.96 12.30 -3.93
C ASP A 190 -31.56 10.83 -3.76
N THR A 191 -32.06 9.99 -4.65
CA THR A 191 -31.73 8.56 -4.64
C THR A 191 -30.24 8.31 -4.93
N ASN A 192 -29.59 9.26 -5.60
CA ASN A 192 -28.14 9.15 -5.88
C ASN A 192 -27.26 10.28 -5.31
N ILE A 193 -27.59 10.72 -4.10
CA ILE A 193 -26.67 11.46 -3.25
C ILE A 193 -26.30 10.55 -2.09
N TYR A 194 -25.01 10.45 -1.80
CA TYR A 194 -24.57 9.49 -0.82
C TYR A 194 -23.89 10.15 0.37
N ARG A 195 -24.43 9.95 1.57
CA ARG A 195 -23.89 10.58 2.78
C ARG A 195 -23.06 9.66 3.68
N PHE A 196 -21.97 10.20 4.21
CA PHE A 196 -21.07 9.43 5.06
C PHE A 196 -20.63 10.21 6.31
N GLU A 197 -20.21 9.48 7.34
CA GLU A 197 -19.57 10.08 8.50
C GLU A 197 -18.36 9.27 8.96
N GLN A 198 -17.24 9.93 9.20
CA GLN A 198 -16.08 9.31 9.84
C GLN A 198 -15.83 9.93 11.21
N LYS A 199 -16.22 9.22 12.26
CA LYS A 199 -16.25 9.79 13.62
C LYS A 199 -14.89 9.72 14.29
N VAL A 200 -13.94 9.03 13.65
CA VAL A 200 -12.57 8.96 14.11
C VAL A 200 -11.67 9.89 13.29
N PRO A 201 -10.90 10.75 13.96
CA PRO A 201 -10.20 11.76 13.18
C PRO A 201 -9.23 11.14 12.19
N ILE A 202 -9.20 11.64 10.95
CA ILE A 202 -8.28 11.13 9.94
C ILE A 202 -7.52 12.24 9.21
N PRO A 203 -6.32 11.92 8.71
CA PRO A 203 -5.55 12.87 7.91
C PRO A 203 -6.04 12.84 6.44
N ALA A 204 -5.82 13.91 5.69
CA ALA A 204 -6.39 14.01 4.36
C ALA A 204 -5.96 12.85 3.46
N TYR A 205 -4.71 12.41 3.60
CA TYR A 205 -4.19 11.37 2.73
C TYR A 205 -4.99 10.06 2.80
N LEU A 206 -5.75 9.87 3.88
CA LEU A 206 -6.51 8.64 4.04
C LEU A 206 -7.94 8.76 3.52
N ILE A 207 -8.31 9.94 3.06
CA ILE A 207 -9.61 10.10 2.40
C ILE A 207 -9.68 9.27 1.11
N GLY A 208 -10.72 8.44 1.00
CA GLY A 208 -10.93 7.64 -0.18
C GLY A 208 -12.31 7.83 -0.78
N ILE A 209 -12.37 7.96 -2.11
CA ILE A 209 -13.64 8.02 -2.82
C ILE A 209 -13.64 7.10 -4.04
N ALA A 210 -14.75 6.40 -4.26
CA ALA A 210 -14.89 5.63 -5.48
C ALA A 210 -16.34 5.60 -5.90
N SER A 211 -16.56 5.51 -7.21
CA SER A 211 -17.88 5.59 -7.81
C SER A 211 -17.90 4.84 -9.12
N GLY A 212 -18.95 4.06 -9.32
CA GLY A 212 -19.06 3.17 -10.46
C GLY A 212 -20.14 2.14 -10.17
N ASP A 213 -20.28 1.18 -11.07
CA ASP A 213 -21.33 0.18 -10.88
C ASP A 213 -20.99 -0.78 -9.74
N LEU A 214 -21.47 -0.49 -8.53
CA LEU A 214 -21.04 -1.24 -7.34
C LEU A 214 -22.15 -1.92 -6.54
N SER A 215 -21.95 -3.20 -6.25
CA SER A 215 -22.87 -3.98 -5.43
C SER A 215 -22.19 -4.30 -4.11
N SER A 216 -22.98 -4.73 -3.12
CA SER A 216 -22.41 -5.04 -1.82
C SER A 216 -22.98 -6.33 -1.23
N ALA A 217 -22.15 -7.04 -0.47
CA ALA A 217 -22.56 -8.27 0.16
C ALA A 217 -21.78 -8.47 1.45
N PRO A 218 -22.40 -9.11 2.45
CA PRO A 218 -21.76 -9.37 3.74
C PRO A 218 -20.65 -10.43 3.66
N ILE A 219 -19.48 -10.07 4.18
CA ILE A 219 -18.39 -11.02 4.33
C ILE A 219 -18.06 -11.25 5.82
N GLY A 220 -19.02 -10.92 6.67
CA GLY A 220 -18.86 -11.10 8.11
C GLY A 220 -19.71 -10.12 8.91
N PRO A 221 -19.70 -10.30 10.24
CA PRO A 221 -20.53 -9.60 11.23
C PRO A 221 -20.35 -8.09 11.23
N ARG A 222 -19.17 -7.62 10.80
CA ARG A 222 -18.91 -6.19 10.72
C ARG A 222 -18.14 -5.86 9.45
N SER A 223 -18.36 -6.65 8.41
CA SER A 223 -17.64 -6.49 7.16
C SER A 223 -18.52 -6.72 5.93
N THR A 224 -18.39 -5.82 4.97
CA THR A 224 -19.17 -5.86 3.75
C THR A 224 -18.18 -5.70 2.60
N VAL A 225 -18.45 -6.39 1.49
CA VAL A 225 -17.60 -6.22 0.31
C VAL A 225 -18.34 -5.50 -0.81
N TYR A 226 -17.63 -4.62 -1.50
CA TYR A 226 -18.17 -3.84 -2.59
C TYR A 226 -17.38 -4.14 -3.84
N THR A 227 -18.10 -4.43 -4.93
CA THR A 227 -17.44 -4.68 -6.20
C THR A 227 -18.47 -4.68 -7.34
N GLU A 228 -17.99 -4.78 -8.56
CA GLU A 228 -18.87 -4.94 -9.71
C GLU A 228 -19.79 -6.15 -9.54
N PRO A 229 -21.06 -5.99 -9.93
CA PRO A 229 -22.10 -7.02 -9.73
C PRO A 229 -21.68 -8.42 -10.16
N PHE A 230 -21.03 -8.55 -11.32
CA PHE A 230 -20.70 -9.88 -11.83
C PHE A 230 -19.76 -10.58 -10.87
N ARG A 231 -18.85 -9.80 -10.32
CA ARG A 231 -17.78 -10.30 -9.46
C ARG A 231 -18.25 -10.52 -8.01
N LEU A 232 -19.32 -9.84 -7.64
CA LEU A 232 -19.78 -9.83 -6.24
C LEU A 232 -19.83 -11.21 -5.62
N LYS A 233 -20.45 -12.16 -6.32
CA LYS A 233 -20.66 -13.50 -5.77
C LYS A 233 -19.35 -14.23 -5.50
N ASP A 234 -18.36 -14.03 -6.36
CA ASP A 234 -17.03 -14.58 -6.14
C ASP A 234 -16.23 -13.87 -5.03
N CYS A 235 -16.42 -12.56 -4.88
CA CYS A 235 -15.75 -11.80 -3.84
C CYS A 235 -16.33 -12.13 -2.47
N GLN A 236 -17.64 -12.31 -2.41
CA GLN A 236 -18.27 -12.70 -1.16
C GLN A 236 -17.65 -13.98 -0.64
N TRP A 237 -17.47 -14.96 -1.52
CA TRP A 237 -16.95 -16.26 -1.12
C TRP A 237 -15.50 -16.19 -0.66
N GLU A 238 -14.71 -15.34 -1.30
CA GLU A 238 -13.26 -15.27 -1.04
C GLU A 238 -12.98 -14.80 0.37
N PHE A 239 -13.79 -13.86 0.85
CA PHE A 239 -13.57 -13.20 2.13
C PHE A 239 -14.45 -13.75 3.26
N GLU A 240 -15.62 -14.29 2.92
CA GLU A 240 -16.53 -14.86 3.92
C GLU A 240 -15.80 -15.49 5.08
N ASN A 241 -14.91 -16.43 4.77
CA ASN A 241 -14.37 -17.37 5.74
C ASN A 241 -13.18 -16.89 6.59
N ASP A 242 -12.63 -15.73 6.28
CA ASP A 242 -11.41 -15.32 6.97
C ASP A 242 -11.35 -13.87 7.51
N VAL A 243 -12.12 -12.96 6.94
CA VAL A 243 -12.04 -11.55 7.38
C VAL A 243 -12.21 -11.36 8.88
N GLU A 244 -13.24 -11.94 9.47
CA GLU A 244 -13.43 -11.78 10.92
C GLU A 244 -12.31 -12.48 11.71
N LYS A 245 -11.94 -13.70 11.32
CA LYS A 245 -10.83 -14.38 11.99
C LYS A 245 -9.62 -13.45 12.01
N PHE A 246 -9.41 -12.76 10.88
CA PHE A 246 -8.32 -11.81 10.75
C PHE A 246 -8.44 -10.64 11.73
N ILE A 247 -9.58 -9.96 11.72
CA ILE A 247 -9.80 -8.84 12.62
C ILE A 247 -9.64 -9.24 14.10
N GLN A 248 -10.13 -10.41 14.47
CA GLN A 248 -10.03 -10.82 15.86
C GLN A 248 -8.59 -11.19 16.17
N THR A 249 -7.88 -11.70 15.18
CA THR A 249 -6.49 -12.05 15.41
C THR A 249 -5.70 -10.80 15.73
N ALA A 250 -6.08 -9.70 15.10
CA ALA A 250 -5.39 -8.44 15.27
C ALA A 250 -5.73 -7.78 16.60
N GLU A 251 -6.99 -7.88 17.01
CA GLU A 251 -7.41 -7.25 18.25
C GLU A 251 -6.77 -7.96 19.42
N LYS A 252 -6.60 -9.27 19.28
CA LYS A 252 -6.07 -10.11 20.33
C LYS A 252 -4.60 -9.80 20.58
N ILE A 253 -3.89 -9.41 19.52
CA ILE A 253 -2.48 -9.03 19.57
C ILE A 253 -2.33 -7.58 20.04
N ILE A 254 -3.07 -6.67 19.42
CA ILE A 254 -3.06 -5.27 19.82
C ILE A 254 -4.21 -4.99 20.79
N PHE A 255 -5.26 -4.36 20.29
CA PHE A 255 -6.49 -4.17 21.03
C PHE A 255 -7.72 -3.96 20.16
N GLU A 256 -8.86 -3.73 20.82
CA GLU A 256 -10.13 -3.73 20.11
C GLU A 256 -10.13 -2.85 18.86
N TYR A 257 -10.73 -3.35 17.78
CA TYR A 257 -10.91 -2.59 16.55
C TYR A 257 -11.85 -1.41 16.75
N GLU A 258 -11.40 -0.25 16.33
CA GLU A 258 -11.99 1.01 16.72
C GLU A 258 -13.03 1.61 15.77
N TRP A 259 -12.95 1.27 14.48
CA TRP A 259 -13.73 2.02 13.49
C TRP A 259 -15.14 1.48 13.22
N GLY A 260 -15.61 0.54 14.02
CA GLY A 260 -16.92 -0.03 13.80
C GLY A 260 -16.91 -1.15 12.76
N THR A 261 -16.84 -0.79 11.48
CA THR A 261 -16.86 -1.79 10.42
C THR A 261 -15.56 -1.82 9.64
N TYR A 262 -15.22 -3.00 9.12
CA TYR A 262 -14.10 -3.10 8.21
C TYR A 262 -14.62 -3.60 6.87
N ASP A 263 -14.61 -2.73 5.87
CA ASP A 263 -15.16 -3.05 4.56
C ASP A 263 -14.07 -3.07 3.52
N ILE A 264 -14.28 -3.83 2.46
CA ILE A 264 -13.31 -3.96 1.38
C ILE A 264 -13.95 -3.55 0.05
N LEU A 265 -13.27 -2.71 -0.71
CA LEU A 265 -13.70 -2.38 -2.06
C LEU A 265 -12.78 -3.13 -3.05
N VAL A 266 -13.35 -4.07 -3.79
CA VAL A 266 -12.56 -4.76 -4.83
C VAL A 266 -12.71 -4.00 -6.14
N ASN A 267 -11.77 -3.11 -6.41
CA ASN A 267 -11.79 -2.27 -7.59
C ASN A 267 -11.92 -3.00 -8.91
N VAL A 268 -12.27 -2.24 -9.95
CA VAL A 268 -12.37 -2.70 -11.33
C VAL A 268 -11.07 -3.29 -11.86
N ASP A 269 -11.18 -4.13 -12.89
CA ASP A 269 -10.05 -4.90 -13.40
C ASP A 269 -8.86 -4.07 -13.85
N SER A 270 -9.14 -2.86 -14.32
CA SER A 270 -8.09 -1.98 -14.82
C SER A 270 -7.29 -1.29 -13.71
N TYR A 271 -7.78 -1.36 -12.48
CA TYR A 271 -7.05 -0.85 -11.30
C TYR A 271 -5.60 -1.35 -11.31
N PRO A 272 -4.64 -0.43 -11.48
CA PRO A 272 -3.23 -0.71 -11.73
C PRO A 272 -2.38 -0.81 -10.48
N TYR A 273 -2.94 -0.50 -9.32
CA TYR A 273 -2.15 -0.44 -8.08
C TYR A 273 -2.32 -1.68 -7.21
N GLY A 274 -1.74 -1.65 -6.02
CA GLY A 274 -1.73 -2.83 -5.16
C GLY A 274 -2.77 -2.89 -4.07
N GLY A 275 -3.08 -1.76 -3.44
CA GLY A 275 -4.02 -1.72 -2.34
C GLY A 275 -3.86 -0.43 -1.56
N MET A 276 -4.88 -0.05 -0.81
CA MET A 276 -4.81 1.19 -0.06
C MET A 276 -5.73 1.13 1.14
N GLU A 277 -5.23 1.62 2.27
CA GLU A 277 -5.84 1.35 3.56
C GLU A 277 -6.87 2.36 4.03
N SER A 278 -7.56 3.04 3.13
CA SER A 278 -8.60 3.98 3.56
C SER A 278 -9.49 3.43 4.69
N PRO A 279 -9.65 4.23 5.77
CA PRO A 279 -10.47 3.91 6.93
C PRO A 279 -11.89 3.49 6.53
N ASN A 280 -12.38 2.38 7.08
CA ASN A 280 -13.74 1.89 6.81
C ASN A 280 -14.00 1.45 5.36
N MET A 281 -13.02 1.66 4.50
CA MET A 281 -13.14 1.22 3.11
C MET A 281 -11.77 0.95 2.51
N THR A 282 -11.31 -0.29 2.70
CA THR A 282 -10.04 -0.75 2.17
C THR A 282 -10.10 -1.00 0.66
N PHE A 283 -9.24 -0.33 -0.10
CA PHE A 283 -9.17 -0.52 -1.54
C PHE A 283 -8.31 -1.75 -1.82
N ALA A 284 -8.84 -2.65 -2.64
CA ALA A 284 -8.17 -3.90 -2.95
C ALA A 284 -8.22 -4.14 -4.45
N THR A 285 -7.31 -4.98 -4.94
CA THR A 285 -7.27 -5.29 -6.37
C THR A 285 -7.97 -6.62 -6.66
N PRO A 286 -8.64 -6.73 -7.80
CA PRO A 286 -9.34 -7.99 -8.07
C PRO A 286 -8.41 -9.21 -8.10
N THR A 287 -7.09 -9.01 -8.08
CA THR A 287 -6.17 -10.16 -8.18
C THR A 287 -6.02 -10.93 -6.88
N LEU A 288 -6.84 -10.58 -5.88
CA LEU A 288 -6.97 -11.36 -4.66
C LEU A 288 -7.91 -12.54 -4.84
N ILE A 289 -8.77 -12.35 -5.69
CA ILE A 289 -9.73 -13.40 -5.94
C ILE A 289 -9.06 -14.56 -6.65
N ALA A 290 -8.65 -15.62 -5.90
CA ALA A 290 -7.89 -16.74 -6.41
C ALA A 290 -8.81 -17.94 -6.59
N HIS A 291 -10.02 -17.82 -6.05
CA HIS A 291 -11.03 -18.89 -6.12
C HIS A 291 -10.70 -20.05 -5.20
N ASP A 292 -9.61 -19.92 -4.44
CA ASP A 292 -9.19 -20.95 -3.50
C ASP A 292 -8.67 -20.36 -2.18
N ARG A 293 -8.82 -19.05 -2.02
CA ARG A 293 -8.41 -18.36 -0.79
C ARG A 293 -6.91 -18.36 -0.54
N SER A 294 -6.12 -18.50 -1.60
CA SER A 294 -4.69 -18.60 -1.44
C SER A 294 -4.04 -17.24 -1.33
N ASN A 295 -4.80 -16.20 -1.62
CA ASN A 295 -4.24 -14.86 -1.60
C ASN A 295 -4.82 -13.89 -0.56
N ILE A 296 -5.44 -14.39 0.50
CA ILE A 296 -6.05 -13.48 1.44
C ILE A 296 -5.11 -13.03 2.55
N ASP A 297 -4.06 -13.82 2.83
CA ASP A 297 -3.08 -13.41 3.84
C ASP A 297 -2.70 -11.93 3.68
N VAL A 298 -2.82 -11.46 2.44
CA VAL A 298 -2.51 -10.08 2.09
C VAL A 298 -3.43 -9.06 2.77
N ILE A 299 -4.66 -9.45 3.00
CA ILE A 299 -5.63 -8.54 3.57
C ILE A 299 -5.15 -8.07 4.96
N ALA A 300 -4.26 -8.85 5.59
CA ALA A 300 -3.64 -8.52 6.86
C ALA A 300 -2.94 -7.15 6.87
N HIS A 301 -2.29 -6.81 5.76
CA HIS A 301 -1.54 -5.57 5.65
C HIS A 301 -2.41 -4.36 5.87
N GLU A 302 -3.45 -4.20 5.05
CA GLU A 302 -4.31 -3.02 5.14
C GLU A 302 -5.11 -3.03 6.43
N LEU A 303 -5.45 -4.22 6.93
CA LEU A 303 -6.07 -4.34 8.24
C LEU A 303 -5.16 -3.80 9.36
N ALA A 304 -3.93 -4.28 9.42
CA ALA A 304 -2.98 -3.77 10.40
C ALA A 304 -2.94 -2.25 10.39
N HIS A 305 -2.85 -1.63 9.21
CA HIS A 305 -2.87 -0.17 9.09
C HIS A 305 -3.95 0.51 9.95
N SER A 306 -5.07 -0.18 10.17
CA SER A 306 -6.13 0.37 11.01
C SER A 306 -5.54 0.92 12.29
N TRP A 307 -4.48 0.27 12.76
CA TRP A 307 -3.75 0.70 13.93
C TRP A 307 -2.51 1.52 13.52
N SER A 308 -1.61 0.90 12.78
CA SER A 308 -0.39 1.59 12.38
C SER A 308 -0.59 2.41 11.11
N GLY A 309 -0.83 3.69 11.30
CA GLY A 309 -1.06 4.59 10.19
C GLY A 309 -2.35 5.34 10.36
N ASN A 310 -3.46 4.62 10.48
CA ASN A 310 -4.76 5.25 10.55
C ASN A 310 -5.07 5.75 11.95
N LEU A 311 -4.90 4.88 12.94
CA LEU A 311 -5.07 5.28 14.34
C LEU A 311 -3.88 6.10 14.88
N VAL A 312 -2.66 5.60 14.67
CA VAL A 312 -1.44 6.30 15.07
C VAL A 312 -0.61 6.64 13.84
N THR A 313 -0.50 7.92 13.54
CA THR A 313 -0.02 8.36 12.24
C THR A 313 1.35 9.02 12.33
N ASN A 314 2.21 8.76 11.35
CA ASN A 314 3.45 9.53 11.20
C ASN A 314 3.12 11.01 11.02
N CYS A 315 3.87 11.87 11.70
CA CYS A 315 3.58 13.28 11.65
C CYS A 315 4.00 13.94 10.34
N SER A 316 4.86 13.26 9.58
CA SER A 316 5.37 13.78 8.32
C SER A 316 5.99 12.65 7.49
N TRP A 317 6.49 12.94 6.29
CA TRP A 317 7.03 11.88 5.45
C TRP A 317 8.50 11.51 5.73
N ASN A 318 9.14 12.29 6.60
CA ASN A 318 10.42 11.88 7.17
C ASN A 318 10.31 10.63 8.06
N HIS A 319 9.09 10.35 8.53
CA HIS A 319 8.87 9.37 9.61
C HIS A 319 7.90 8.28 9.20
N PHE A 320 7.83 8.09 7.90
CA PHE A 320 6.94 7.12 7.28
C PHE A 320 7.16 5.71 7.79
N TRP A 321 8.35 5.39 8.23
CA TRP A 321 8.61 4.04 8.73
C TRP A 321 7.69 3.69 9.91
N LEU A 322 7.37 4.69 10.74
CA LEU A 322 6.45 4.51 11.87
C LEU A 322 5.10 3.98 11.42
N ASN A 323 4.79 4.23 10.16
CA ASN A 323 3.53 3.84 9.54
C ASN A 323 3.72 2.45 8.93
N GLU A 324 4.38 2.41 7.77
CA GLU A 324 4.53 1.16 7.03
C GLU A 324 5.36 0.11 7.76
N GLY A 325 6.47 0.53 8.36
CA GLY A 325 7.33 -0.35 9.14
C GLY A 325 6.64 -1.12 10.25
N TRP A 326 5.75 -0.44 10.97
CA TRP A 326 4.92 -1.09 11.97
C TRP A 326 3.92 -2.01 11.31
N THR A 327 3.37 -1.56 10.18
CA THR A 327 2.34 -2.35 9.51
C THR A 327 2.92 -3.68 9.06
N VAL A 328 4.06 -3.65 8.41
CA VAL A 328 4.66 -4.91 8.04
C VAL A 328 4.82 -5.81 9.27
N TYR A 329 5.31 -5.23 10.37
CA TYR A 329 5.49 -5.98 11.60
C TYR A 329 4.19 -6.64 12.10
N LEU A 330 3.13 -5.85 12.25
CA LEU A 330 1.83 -6.33 12.73
C LEU A 330 1.23 -7.32 11.76
N GLU A 331 1.34 -6.98 10.47
CA GLU A 331 0.93 -7.87 9.40
C GLU A 331 1.51 -9.25 9.64
N ARG A 332 2.83 -9.30 9.74
CA ARG A 332 3.51 -10.57 9.95
C ARG A 332 3.19 -11.20 11.32
N ARG A 333 2.78 -10.38 12.29
CA ARG A 333 2.38 -10.96 13.57
C ARG A 333 1.04 -11.68 13.42
N ILE A 334 0.18 -11.15 12.57
CA ILE A 334 -1.13 -11.73 12.37
C ILE A 334 -1.03 -13.04 11.60
N ILE A 335 -0.22 -13.05 10.55
CA ILE A 335 -0.10 -14.29 9.79
C ILE A 335 0.70 -15.34 10.57
N GLY A 336 1.52 -14.88 11.52
CA GLY A 336 2.22 -15.79 12.41
C GLY A 336 1.24 -16.47 13.37
N ALA A 337 0.30 -15.70 13.88
CA ALA A 337 -0.69 -16.21 14.82
C ALA A 337 -1.59 -17.25 14.18
N ILE A 338 -1.79 -17.12 12.87
CA ILE A 338 -2.72 -17.94 12.12
C ILE A 338 -2.05 -19.18 11.49
N HIS A 339 -0.86 -19.00 10.94
CA HIS A 339 -0.16 -20.07 10.23
C HIS A 339 1.06 -20.59 10.97
N GLY A 340 1.38 -19.94 12.08
CA GLY A 340 2.55 -20.36 12.83
C GLY A 340 3.73 -19.45 12.64
N GLU A 341 4.82 -19.77 13.33
CA GLU A 341 5.96 -18.87 13.36
C GLU A 341 6.86 -19.05 12.14
N PRO A 342 7.11 -20.29 11.72
CA PRO A 342 7.93 -20.46 10.53
C PRO A 342 7.37 -19.68 9.34
N THR A 343 6.04 -19.52 9.31
CA THR A 343 5.45 -18.78 8.22
C THR A 343 5.73 -17.29 8.35
N ARG A 344 5.77 -16.77 9.59
CA ARG A 344 6.09 -15.36 9.77
C ARG A 344 7.51 -15.11 9.31
N HIS A 345 8.43 -15.94 9.81
CA HIS A 345 9.83 -15.87 9.38
C HIS A 345 10.05 -15.99 7.87
N PHE A 346 9.23 -16.79 7.20
CA PHE A 346 9.32 -16.89 5.74
C PHE A 346 9.05 -15.52 5.12
N SER A 347 7.89 -14.94 5.40
CA SER A 347 7.66 -13.54 4.97
C SER A 347 8.86 -12.61 5.25
N ALA A 348 9.39 -12.66 6.47
CA ALA A 348 10.54 -11.87 6.84
C ALA A 348 11.71 -12.07 5.85
N LEU A 349 12.09 -13.34 5.67
CA LEU A 349 13.19 -13.70 4.78
C LEU A 349 13.06 -13.07 3.41
N ILE A 350 11.87 -13.23 2.84
CA ILE A 350 11.53 -12.68 1.56
C ILE A 350 11.65 -11.17 1.61
N GLY A 351 11.09 -10.56 2.66
CA GLY A 351 11.17 -9.12 2.82
C GLY A 351 12.62 -8.65 2.80
N TRP A 352 13.49 -9.47 3.37
CA TRP A 352 14.90 -9.16 3.42
C TRP A 352 15.50 -9.13 2.01
N SER A 353 15.17 -10.11 1.17
CA SER A 353 15.63 -10.10 -0.23
C SER A 353 15.17 -8.84 -0.92
N ASP A 354 13.85 -8.62 -0.89
CA ASP A 354 13.25 -7.41 -1.45
C ASP A 354 14.01 -6.15 -1.01
N LEU A 355 14.31 -6.07 0.29
CA LEU A 355 15.08 -4.95 0.83
C LEU A 355 16.46 -4.82 0.17
N GLN A 356 17.18 -5.93 0.08
CA GLN A 356 18.50 -5.92 -0.54
C GLN A 356 18.43 -5.51 -2.00
N ASN A 357 17.35 -5.90 -2.69
CA ASN A 357 17.21 -5.56 -4.09
C ASN A 357 16.90 -4.08 -4.22
N SER A 358 16.01 -3.61 -3.34
CA SER A 358 15.57 -2.22 -3.35
C SER A 358 16.79 -1.31 -3.23
N ILE A 359 17.61 -1.53 -2.20
CA ILE A 359 18.78 -0.72 -1.92
C ILE A 359 19.90 -0.86 -2.96
N ASP A 360 20.04 -2.05 -3.54
CA ASP A 360 21.02 -2.28 -4.61
C ASP A 360 20.62 -1.55 -5.91
N SER A 361 19.34 -1.24 -6.03
CA SER A 361 18.78 -0.69 -7.26
C SER A 361 18.51 0.80 -7.22
N MET A 362 18.75 1.47 -6.10
CA MET A 362 18.43 2.88 -6.01
C MET A 362 19.40 3.79 -6.76
N LYS A 363 18.87 4.89 -7.29
CA LYS A 363 19.68 6.08 -7.53
C LYS A 363 19.78 6.71 -6.15
N ASP A 364 20.98 7.06 -5.71
CA ASP A 364 21.08 7.77 -4.44
C ASP A 364 20.59 6.94 -3.25
N PRO A 365 21.24 5.81 -2.99
CA PRO A 365 20.97 5.00 -1.79
C PRO A 365 21.43 5.72 -0.53
N GLU A 366 22.48 6.51 -0.67
CA GLU A 366 23.10 7.21 0.44
C GLU A 366 22.03 7.99 1.18
N ARG A 367 21.00 8.40 0.45
CA ARG A 367 19.99 9.30 1.00
C ARG A 367 18.68 8.60 1.25
N PHE A 368 18.25 7.79 0.29
CA PHE A 368 16.93 7.21 0.36
C PHE A 368 16.84 5.87 1.10
N SER A 369 17.97 5.32 1.51
CA SER A 369 17.90 4.07 2.24
C SER A 369 18.08 4.25 3.77
N THR A 370 18.30 5.47 4.22
CA THR A 370 18.23 5.76 5.65
C THR A 370 16.76 5.62 6.08
N LEU A 371 16.55 5.07 7.28
CA LEU A 371 15.20 4.75 7.77
C LEU A 371 14.33 6.00 8.03
N VAL A 372 14.90 6.96 8.75
CA VAL A 372 14.31 8.26 8.95
C VAL A 372 14.74 9.14 7.79
N GLN A 373 13.78 9.78 7.14
CA GLN A 373 14.07 10.56 5.93
C GLN A 373 14.20 12.03 6.24
N ASN A 374 14.66 12.79 5.25
CA ASN A 374 14.85 14.23 5.40
C ASN A 374 14.51 14.96 4.10
N LEU A 375 13.22 15.24 3.90
CA LEU A 375 12.74 15.74 2.60
C LEU A 375 12.83 17.26 2.39
N ASN A 376 12.76 18.05 3.45
CA ASN A 376 12.60 19.51 3.31
C ASN A 376 11.42 19.86 2.42
N ASP A 377 11.33 21.13 2.02
CA ASP A 377 10.21 21.57 1.21
C ASP A 377 10.49 21.46 -0.30
N ASN A 378 11.48 20.65 -0.68
CA ASN A 378 11.85 20.60 -2.08
C ASN A 378 12.01 19.19 -2.63
N THR A 379 11.66 18.19 -1.82
CA THR A 379 11.68 16.81 -2.30
C THR A 379 10.26 16.31 -2.43
N ASP A 380 9.99 15.60 -3.53
CA ASP A 380 8.68 14.99 -3.71
C ASP A 380 8.64 13.74 -2.86
N PRO A 381 7.71 13.68 -1.90
CA PRO A 381 7.64 12.49 -1.04
C PRO A 381 7.65 11.17 -1.82
N ASP A 382 7.03 11.15 -2.99
CA ASP A 382 6.97 9.94 -3.81
C ASP A 382 8.35 9.43 -4.22
N ASP A 383 9.33 10.33 -4.26
CA ASP A 383 10.68 9.97 -4.64
C ASP A 383 11.38 9.20 -3.54
N ALA A 384 10.86 9.31 -2.32
CA ALA A 384 11.46 8.64 -1.17
C ALA A 384 10.81 7.28 -0.87
N PHE A 385 9.80 6.93 -1.66
CA PHE A 385 9.15 5.65 -1.49
C PHE A 385 10.07 4.54 -1.94
N SER A 386 10.31 3.58 -1.04
CA SER A 386 11.05 2.37 -1.36
C SER A 386 10.61 1.22 -0.48
N THR A 387 11.41 0.16 -0.47
CA THR A 387 11.13 -0.96 0.39
C THR A 387 11.67 -0.66 1.80
N VAL A 388 12.50 0.37 1.91
CA VAL A 388 13.21 0.67 3.14
C VAL A 388 12.30 0.90 4.35
N PRO A 389 11.36 1.85 4.25
CA PRO A 389 10.53 2.02 5.44
C PRO A 389 9.77 0.74 5.81
N TYR A 390 9.31 -0.02 4.81
CA TYR A 390 8.66 -1.31 5.07
C TYR A 390 9.58 -2.29 5.77
N GLU A 391 10.71 -2.62 5.15
CA GLU A 391 11.55 -3.71 5.66
C GLU A 391 12.61 -3.33 6.71
N LYS A 392 13.32 -2.21 6.52
CA LYS A 392 14.28 -1.77 7.52
C LYS A 392 13.52 -1.39 8.79
N GLY A 393 12.35 -0.80 8.60
CA GLY A 393 11.46 -0.49 9.71
C GLY A 393 10.97 -1.75 10.40
N PHE A 394 10.45 -2.69 9.63
CA PHE A 394 10.04 -3.96 10.20
C PHE A 394 11.18 -4.58 11.00
N ASN A 395 12.37 -4.60 10.41
CA ASN A 395 13.52 -5.27 11.04
C ASN A 395 14.00 -4.68 12.36
N LEU A 396 13.84 -3.37 12.52
CA LEU A 396 14.11 -2.72 13.78
C LEU A 396 13.12 -3.27 14.82
N LEU A 397 11.85 -3.25 14.48
CA LEU A 397 10.81 -3.72 15.39
C LEU A 397 10.99 -5.21 15.71
N PHE A 398 11.50 -5.97 14.76
CA PHE A 398 11.78 -7.37 15.02
C PHE A 398 13.00 -7.49 15.93
N HIS A 399 14.04 -6.72 15.63
CA HIS A 399 15.21 -6.69 16.50
C HIS A 399 14.81 -6.32 17.92
N LEU A 400 13.91 -5.35 18.07
CA LEU A 400 13.45 -4.96 19.39
C LEU A 400 12.67 -6.08 20.08
N GLU A 401 11.77 -6.74 19.35
CA GLU A 401 11.01 -7.85 19.89
C GLU A 401 11.97 -8.89 20.45
N THR A 402 13.03 -9.15 19.69
CA THR A 402 13.97 -10.20 20.06
C THR A 402 14.82 -9.88 21.28
N ILE A 403 15.50 -8.74 21.27
CA ILE A 403 16.36 -8.38 22.39
C ILE A 403 15.64 -7.97 23.68
N LEU A 404 14.33 -7.76 23.61
CA LEU A 404 13.58 -7.44 24.82
C LEU A 404 12.88 -8.65 25.38
N GLY A 405 13.01 -9.80 24.74
CA GLY A 405 12.50 -11.04 25.30
C GLY A 405 11.33 -11.69 24.59
N GLY A 406 11.04 -11.23 23.38
CA GLY A 406 10.02 -11.87 22.58
C GLY A 406 8.65 -11.29 22.80
N LYS A 407 7.65 -11.92 22.18
CA LYS A 407 6.31 -11.37 22.08
C LYS A 407 5.64 -11.12 23.43
N ALA A 408 5.84 -12.05 24.37
CA ALA A 408 5.21 -11.94 25.68
C ALA A 408 5.66 -10.67 26.39
N GLU A 409 6.92 -10.30 26.15
CA GLU A 409 7.52 -9.11 26.72
C GLU A 409 7.39 -7.85 25.85
N PHE A 410 7.21 -8.04 24.53
CA PHE A 410 7.07 -6.92 23.60
C PHE A 410 5.61 -6.46 23.47
N ASP A 411 4.68 -7.41 23.33
CA ASP A 411 3.26 -7.09 23.21
C ASP A 411 2.77 -5.99 24.15
N PRO A 412 3.13 -6.05 25.44
CA PRO A 412 2.68 -4.98 26.34
C PRO A 412 3.07 -3.57 25.88
N PHE A 413 4.24 -3.44 25.25
CA PHE A 413 4.64 -2.16 24.69
C PHE A 413 3.83 -1.79 23.42
N ILE A 414 3.46 -2.81 22.66
CA ILE A 414 2.68 -2.58 21.46
C ILE A 414 1.36 -1.90 21.85
N ARG A 415 0.69 -2.42 22.87
CA ARG A 415 -0.61 -1.89 23.27
C ARG A 415 -0.48 -0.52 23.92
N HIS A 416 0.63 -0.31 24.63
CA HIS A 416 0.88 0.96 25.28
C HIS A 416 1.10 2.04 24.24
N TYR A 417 1.83 1.68 23.18
CA TYR A 417 2.24 2.65 22.18
C TYR A 417 1.05 3.13 21.37
N PHE A 418 0.24 2.18 20.92
CA PHE A 418 -0.96 2.49 20.15
C PHE A 418 -2.06 3.13 20.98
N LYS A 419 -2.08 2.86 22.27
CA LYS A 419 -3.04 3.51 23.12
C LYS A 419 -2.57 4.93 23.40
N LYS A 420 -1.29 5.10 23.65
CA LYS A 420 -0.76 6.42 23.98
C LYS A 420 -1.04 7.43 22.87
N PHE A 421 -0.77 7.02 21.63
CA PHE A 421 -0.86 7.92 20.47
C PHE A 421 -2.12 7.75 19.63
N ALA A 422 -3.11 7.03 20.13
CA ALA A 422 -4.39 6.86 19.45
C ALA A 422 -4.99 8.18 19.02
N LYS A 423 -5.32 8.28 17.74
CA LYS A 423 -5.98 9.45 17.17
C LYS A 423 -5.06 10.68 17.10
N LYS A 424 -3.75 10.41 17.09
CA LYS A 424 -2.75 11.45 17.18
C LYS A 424 -1.63 11.09 16.19
N SER A 425 -0.62 11.95 16.10
CA SER A 425 0.47 11.75 15.14
C SER A 425 1.80 11.92 15.86
N LEU A 426 2.84 11.26 15.40
CA LEU A 426 4.12 11.38 16.11
C LEU A 426 5.32 11.30 15.20
N ASP A 427 6.48 11.72 15.70
CA ASP A 427 7.74 11.50 15.00
C ASP A 427 8.53 10.36 15.65
N THR A 428 9.67 10.00 15.05
CA THR A 428 10.57 8.96 15.54
C THR A 428 11.04 9.19 16.97
N PHE A 429 11.21 10.44 17.34
CA PHE A 429 11.64 10.81 18.68
C PHE A 429 10.61 10.53 19.75
N GLN A 430 9.34 10.83 19.48
CA GLN A 430 8.32 10.45 20.44
C GLN A 430 8.19 8.94 20.53
N PHE A 431 8.48 8.24 19.44
CA PHE A 431 8.47 6.80 19.50
C PHE A 431 9.58 6.25 20.39
N LEU A 432 10.80 6.79 20.30
CA LEU A 432 11.90 6.31 21.14
C LEU A 432 11.71 6.60 22.62
N ASP A 433 11.39 7.84 22.93
CA ASP A 433 10.99 8.20 24.29
C ASP A 433 10.01 7.19 24.86
N THR A 434 8.94 6.92 24.14
CA THR A 434 7.93 6.01 24.63
C THR A 434 8.54 4.65 24.90
N LEU A 435 9.40 4.21 23.99
CA LEU A 435 10.13 2.97 24.19
C LEU A 435 10.90 3.02 25.52
N TYR A 436 11.80 3.98 25.65
CA TYR A 436 12.59 4.10 26.88
C TYR A 436 11.71 4.21 28.13
N GLU A 437 10.79 5.17 28.15
CA GLU A 437 9.90 5.33 29.28
C GLU A 437 9.19 4.03 29.73
N PHE A 438 8.94 3.12 28.80
CA PHE A 438 8.17 1.93 29.12
C PHE A 438 8.99 0.77 29.64
N TYR A 439 10.26 0.74 29.25
CA TYR A 439 11.20 -0.27 29.73
C TYR A 439 12.34 0.36 30.52
N PRO A 440 12.05 0.86 31.73
CA PRO A 440 13.12 1.49 32.54
C PRO A 440 14.09 0.42 33.05
N GLU A 441 13.57 -0.80 33.20
CA GLU A 441 14.36 -1.96 33.62
C GLU A 441 15.26 -2.54 32.50
N LYS A 442 15.00 -2.18 31.25
CA LYS A 442 15.78 -2.69 30.12
C LYS A 442 16.71 -1.63 29.50
N LYS A 443 16.91 -0.51 30.19
CA LYS A 443 17.82 0.54 29.71
C LYS A 443 19.14 -0.02 29.23
N GLU A 444 19.65 -1.03 29.93
CA GLU A 444 20.84 -1.74 29.50
C GLU A 444 20.66 -2.24 28.06
N ILE A 445 19.55 -2.94 27.85
CA ILE A 445 19.25 -3.57 26.58
C ILE A 445 19.04 -2.55 25.45
N LEU A 446 18.23 -1.53 25.69
CA LEU A 446 17.98 -0.53 24.65
C LEU A 446 19.26 0.24 24.30
N ASP A 447 20.03 0.62 25.32
CA ASP A 447 21.25 1.36 25.05
C ASP A 447 22.26 0.64 24.13
N SER A 448 22.19 -0.69 24.08
CA SER A 448 23.12 -1.47 23.27
C SER A 448 22.65 -1.61 21.82
N VAL A 449 21.49 -1.02 21.51
CA VAL A 449 21.02 -0.96 20.13
C VAL A 449 21.76 0.14 19.38
N ASP A 450 22.28 -0.16 18.19
CA ASP A 450 23.01 0.87 17.44
C ASP A 450 22.05 1.81 16.76
N TRP A 451 21.60 2.83 17.49
CA TRP A 451 20.55 3.70 16.97
C TRP A 451 20.96 4.53 15.74
N GLU A 452 22.20 4.99 15.71
CA GLU A 452 22.68 5.72 14.56
C GLU A 452 22.56 4.90 13.29
N THR A 453 22.99 3.65 13.35
CA THR A 453 22.95 2.77 12.19
C THR A 453 21.52 2.45 11.73
N TRP A 454 20.66 2.08 12.68
CA TRP A 454 19.26 1.77 12.40
C TRP A 454 18.45 2.95 11.82
N LEU A 455 18.49 4.10 12.49
CA LEU A 455 17.62 5.22 12.09
C LEU A 455 18.21 6.12 11.01
N TYR A 456 19.53 6.21 10.94
CA TYR A 456 20.17 7.28 10.18
C TYR A 456 21.24 6.87 9.17
N LYS A 457 21.74 5.65 9.24
CA LYS A 457 22.75 5.23 8.26
C LYS A 457 22.11 4.52 7.07
N PRO A 458 22.67 4.71 5.87
CA PRO A 458 22.10 4.06 4.68
C PRO A 458 22.50 2.60 4.59
N GLY A 459 22.07 1.92 3.54
CA GLY A 459 22.41 0.53 3.33
C GLY A 459 21.67 -0.45 4.21
N MET A 460 22.07 -1.72 4.16
CA MET A 460 21.41 -2.77 4.92
C MET A 460 21.64 -2.62 6.43
N PRO A 461 20.62 -2.95 7.24
CA PRO A 461 20.76 -2.91 8.69
C PRO A 461 21.44 -4.18 9.15
N PRO A 462 21.77 -4.27 10.45
CA PRO A 462 22.34 -5.50 11.02
C PRO A 462 21.51 -6.73 10.61
N ARG A 463 22.16 -7.76 10.05
CA ARG A 463 21.43 -8.94 9.60
C ARG A 463 20.89 -9.78 10.74
N PRO A 464 19.60 -10.13 10.67
CA PRO A 464 18.91 -10.89 11.70
C PRO A 464 19.03 -12.38 11.40
N HIS A 465 18.49 -13.22 12.27
CA HIS A 465 18.51 -14.64 12.01
C HIS A 465 17.10 -15.17 12.04
N PHE A 466 16.62 -15.54 10.86
CA PHE A 466 15.25 -15.99 10.69
C PHE A 466 15.19 -17.50 10.57
N ILE A 467 14.05 -18.06 10.97
CA ILE A 467 13.72 -19.45 10.70
C ILE A 467 13.54 -19.67 9.19
N THR A 468 14.57 -20.22 8.56
CA THR A 468 14.59 -20.32 7.10
C THR A 468 13.88 -21.55 6.56
N ALA A 469 13.14 -22.26 7.40
CA ALA A 469 12.55 -23.55 7.05
C ALA A 469 11.74 -23.58 5.73
N LEU A 470 10.70 -22.74 5.66
CA LEU A 470 9.85 -22.71 4.48
C LEU A 470 10.63 -22.41 3.19
N ALA A 471 11.69 -21.62 3.31
CA ALA A 471 12.50 -21.28 2.14
C ALA A 471 13.35 -22.49 1.72
N ASP A 472 14.13 -23.01 2.65
CA ASP A 472 14.95 -24.17 2.37
C ASP A 472 14.18 -25.28 1.66
N ASN A 473 12.93 -25.50 2.05
CA ASN A 473 12.12 -26.52 1.39
C ASN A 473 11.93 -26.19 -0.08
N VAL A 474 11.74 -24.92 -0.40
CA VAL A 474 11.60 -24.54 -1.80
C VAL A 474 12.93 -24.72 -2.50
N TYR A 475 14.00 -24.17 -1.93
CA TYR A 475 15.33 -24.23 -2.55
C TYR A 475 15.80 -25.68 -2.82
N GLN A 476 15.58 -26.56 -1.85
CA GLN A 476 15.93 -27.97 -1.99
C GLN A 476 15.31 -28.55 -3.26
N LEU A 477 14.00 -28.37 -3.42
CA LEU A 477 13.25 -28.96 -4.53
C LEU A 477 13.64 -28.35 -5.87
N ALA A 478 13.86 -27.04 -5.90
CA ALA A 478 14.25 -26.41 -7.14
C ALA A 478 15.66 -26.82 -7.56
N ASP A 479 16.59 -26.92 -6.60
CA ASP A 479 17.92 -27.43 -6.91
C ASP A 479 17.87 -28.84 -7.48
N LYS A 480 17.06 -29.69 -6.87
CA LYS A 480 16.94 -31.08 -7.30
C LYS A 480 16.38 -31.16 -8.73
N TRP A 481 15.43 -30.29 -9.06
CA TRP A 481 14.91 -30.21 -10.44
C TRP A 481 16.00 -29.80 -11.43
N VAL A 482 16.68 -28.70 -11.15
CA VAL A 482 17.79 -28.27 -11.98
C VAL A 482 18.84 -29.36 -12.15
N GLU A 483 19.14 -30.08 -11.06
CA GLU A 483 20.17 -31.12 -11.12
C GLU A 483 19.69 -32.33 -11.92
N MET A 484 18.43 -32.69 -11.72
CA MET A 484 17.84 -33.81 -12.44
C MET A 484 17.64 -33.53 -13.93
N ALA A 485 17.38 -32.28 -14.28
CA ALA A 485 17.11 -31.93 -15.68
C ALA A 485 18.31 -32.30 -16.55
N GLN A 486 19.48 -32.23 -15.94
CA GLN A 486 20.72 -32.43 -16.67
C GLN A 486 20.98 -33.88 -17.05
N HIS A 487 20.39 -34.83 -16.33
CA HIS A 487 20.73 -36.22 -16.60
C HIS A 487 19.57 -37.21 -16.86
N LEU A 488 18.37 -36.88 -16.40
CA LEU A 488 17.19 -37.68 -16.76
C LEU A 488 16.76 -37.42 -18.21
N LYS A 489 16.09 -38.38 -18.83
CA LYS A 489 15.80 -38.29 -20.27
C LYS A 489 14.33 -38.37 -20.65
N THR A 490 13.55 -39.07 -19.85
CA THR A 490 12.19 -39.38 -20.21
C THR A 490 11.16 -38.75 -19.28
N THR A 491 10.00 -38.40 -19.83
CA THR A 491 8.89 -37.95 -19.00
C THR A 491 8.64 -38.94 -17.87
N GLU A 492 8.66 -40.33 -18.07
CA GLU A 492 8.43 -41.34 -17.02
C GLU A 492 9.60 -41.39 -16.02
N ASP A 493 10.80 -41.04 -16.47
CA ASP A 493 11.91 -40.88 -15.53
C ASP A 493 11.60 -39.76 -14.53
N PHE A 494 10.92 -38.66 -14.99
CA PHE A 494 10.67 -37.53 -14.09
C PHE A 494 9.53 -37.85 -13.14
N ARG A 495 8.58 -38.67 -13.59
CA ARG A 495 7.50 -39.10 -12.71
C ARG A 495 8.01 -40.09 -11.67
N SER A 496 9.21 -40.61 -11.90
CA SER A 496 9.85 -41.52 -10.96
C SER A 496 10.65 -40.79 -9.90
N GLU A 497 11.18 -39.61 -10.23
CA GLU A 497 11.88 -38.82 -9.21
C GLU A 497 11.01 -37.74 -8.54
N PHE A 498 9.95 -37.31 -9.21
CA PHE A 498 9.06 -36.28 -8.65
C PHE A 498 7.58 -36.68 -8.66
N ASN A 499 6.80 -35.99 -7.83
CA ASN A 499 5.39 -36.30 -7.65
C ASN A 499 4.64 -35.08 -7.16
N ALA A 500 3.34 -35.04 -7.39
CA ALA A 500 2.54 -33.89 -6.94
C ALA A 500 2.72 -33.55 -5.45
N ILE A 501 3.07 -34.53 -4.63
CA ILE A 501 3.21 -34.28 -3.19
C ILE A 501 4.48 -33.52 -2.82
N ASP A 502 5.40 -33.35 -3.76
CA ASP A 502 6.58 -32.54 -3.46
C ASP A 502 6.12 -31.16 -3.00
N ILE A 503 5.04 -30.67 -3.61
CA ILE A 503 4.60 -29.30 -3.36
C ILE A 503 3.26 -29.19 -2.63
N LYS A 504 2.71 -30.30 -2.17
CA LYS A 504 1.37 -30.28 -1.62
C LYS A 504 1.26 -29.32 -0.42
N ASP A 505 2.33 -29.16 0.34
CA ASP A 505 2.30 -28.25 1.50
C ASP A 505 2.81 -26.83 1.25
N PHE A 506 2.95 -26.45 -0.01
CA PHE A 506 3.52 -25.14 -0.33
C PHE A 506 2.44 -24.08 -0.29
N ASN A 507 2.59 -23.09 0.57
CA ASN A 507 1.72 -21.91 0.51
C ASN A 507 1.98 -21.10 -0.75
N SER A 508 1.20 -20.04 -0.98
CA SER A 508 1.33 -19.24 -2.19
C SER A 508 2.73 -18.67 -2.37
N ASN A 509 3.23 -18.00 -1.35
CA ASN A 509 4.58 -17.44 -1.44
C ASN A 509 5.61 -18.51 -1.79
N GLN A 510 5.37 -19.73 -1.33
CA GLN A 510 6.32 -20.81 -1.55
C GLN A 510 6.32 -21.27 -3.01
N LEU A 511 5.14 -21.37 -3.60
CA LEU A 511 5.03 -21.71 -5.01
C LEU A 511 5.67 -20.61 -5.85
N VAL A 512 5.31 -19.36 -5.55
CA VAL A 512 5.84 -18.22 -6.27
C VAL A 512 7.34 -18.25 -6.20
N LEU A 513 7.90 -18.58 -5.04
CA LEU A 513 9.34 -18.52 -4.86
C LEU A 513 9.99 -19.72 -5.53
N PHE A 514 9.21 -20.80 -5.65
CA PHE A 514 9.69 -22.02 -6.28
C PHE A 514 9.87 -21.79 -7.78
N LEU A 515 8.85 -21.22 -8.42
CA LEU A 515 8.96 -20.88 -9.84
C LEU A 515 10.04 -19.83 -10.08
N GLU A 516 10.12 -18.82 -9.21
CA GLU A 516 11.13 -17.79 -9.39
C GLU A 516 12.53 -18.37 -9.29
N THR A 517 12.72 -19.25 -8.30
CA THR A 517 14.01 -19.88 -8.07
C THR A 517 14.43 -20.78 -9.24
N LEU A 518 13.48 -21.52 -9.82
CA LEU A 518 13.76 -22.32 -11.00
C LEU A 518 14.29 -21.45 -12.16
N THR A 519 13.66 -20.32 -12.40
CA THR A 519 14.08 -19.48 -13.52
C THR A 519 15.46 -18.91 -13.24
N GLN A 520 15.90 -18.96 -11.99
CA GLN A 520 17.25 -18.51 -11.68
C GLN A 520 18.24 -19.67 -11.72
N ASN A 521 17.77 -20.82 -12.19
CA ASN A 521 18.61 -22.00 -12.34
C ASN A 521 19.06 -22.57 -10.99
N GLY A 522 18.18 -22.47 -9.99
CA GLY A 522 18.49 -23.01 -8.66
C GLY A 522 18.93 -21.95 -7.66
N HIS A 523 19.18 -22.40 -6.43
CA HIS A 523 19.59 -21.52 -5.34
C HIS A 523 21.08 -21.65 -5.01
N SER A 524 21.60 -22.87 -5.04
CA SER A 524 23.03 -23.10 -4.83
C SER A 524 23.80 -22.23 -5.80
N ASN A 525 24.80 -21.49 -5.31
CA ASN A 525 25.65 -20.73 -6.21
C ASN A 525 26.48 -21.68 -7.08
N LYS A 526 26.57 -22.93 -6.62
CA LYS A 526 27.13 -24.02 -7.41
C LYS A 526 26.13 -24.41 -8.51
N LYS A 527 25.71 -23.41 -9.27
CA LYS A 527 24.79 -23.59 -10.39
C LYS A 527 25.54 -24.09 -11.61
N PRO A 528 24.84 -24.73 -12.55
CA PRO A 528 25.52 -25.17 -13.77
C PRO A 528 25.84 -23.98 -14.65
N LYS A 529 27.02 -23.96 -15.26
CA LYS A 529 27.46 -22.79 -16.01
C LYS A 529 26.58 -22.51 -17.24
N ASP A 530 26.41 -23.53 -18.06
CA ASP A 530 25.71 -23.39 -19.34
C ASP A 530 24.23 -23.75 -19.27
N PHE A 531 23.69 -23.88 -18.06
CA PHE A 531 22.32 -24.36 -17.91
C PHE A 531 21.31 -23.33 -18.40
N ASP A 532 20.29 -23.85 -19.07
CA ASP A 532 19.25 -23.03 -19.71
C ASP A 532 18.03 -23.94 -19.84
N TRP A 533 16.96 -23.63 -19.12
CA TRP A 533 15.77 -24.46 -19.18
C TRP A 533 15.31 -24.74 -20.62
N ALA A 534 15.53 -23.76 -21.50
CA ALA A 534 15.13 -23.91 -22.89
C ALA A 534 15.70 -25.16 -23.51
N LYS A 535 16.89 -25.57 -23.05
CA LYS A 535 17.59 -26.74 -23.57
C LYS A 535 17.06 -28.06 -23.04
N PHE A 536 16.09 -28.01 -22.15
CA PHE A 536 15.59 -29.23 -21.50
C PHE A 536 14.08 -29.28 -21.49
N PRO A 537 13.47 -29.29 -22.68
CA PRO A 537 12.01 -29.23 -22.75
C PRO A 537 11.27 -30.49 -22.21
N VAL A 538 11.91 -31.66 -22.23
CA VAL A 538 11.32 -32.82 -21.57
C VAL A 538 11.17 -32.56 -20.07
N ALA A 539 12.27 -32.13 -19.46
CA ALA A 539 12.28 -31.74 -18.05
C ALA A 539 11.22 -30.71 -17.68
N SER A 540 11.22 -29.57 -18.37
CA SER A 540 10.34 -28.47 -18.01
C SER A 540 8.85 -28.81 -18.20
N ARG A 541 8.53 -29.54 -19.26
CA ARG A 541 7.12 -29.90 -19.52
C ARG A 541 6.61 -30.93 -18.51
N ALA A 542 7.54 -31.68 -17.92
CA ALA A 542 7.20 -32.65 -16.90
C ALA A 542 6.97 -31.99 -15.53
N LEU A 543 7.77 -30.96 -15.24
CA LEU A 543 7.54 -30.16 -14.06
C LEU A 543 6.13 -29.59 -14.06
N LEU A 544 5.68 -29.04 -15.18
CA LEU A 544 4.33 -28.47 -15.23
C LEU A 544 3.26 -29.56 -15.19
N ASP A 545 3.51 -30.70 -15.82
CA ASP A 545 2.50 -31.75 -15.84
C ASP A 545 2.35 -32.36 -14.46
N ILE A 546 3.48 -32.70 -13.82
CA ILE A 546 3.47 -33.32 -12.51
C ILE A 546 2.91 -32.39 -11.43
N TYR A 547 3.21 -31.10 -11.52
CA TYR A 547 2.66 -30.14 -10.59
C TYR A 547 1.49 -29.37 -11.19
N GLN A 548 0.70 -30.04 -12.02
CA GLN A 548 -0.37 -29.34 -12.72
C GLN A 548 -1.43 -28.82 -11.75
N ASP A 549 -1.74 -29.61 -10.74
CA ASP A 549 -2.87 -29.29 -9.86
C ASP A 549 -2.71 -28.02 -9.04
N ASN A 550 -1.54 -27.83 -8.44
CA ASN A 550 -1.28 -26.64 -7.61
C ASN A 550 -0.67 -25.45 -8.36
N ILE A 551 0.05 -25.72 -9.44
CA ILE A 551 0.65 -24.65 -10.24
C ILE A 551 -0.15 -24.31 -11.49
N VAL A 552 -0.31 -25.26 -12.39
CA VAL A 552 -0.94 -24.97 -13.68
C VAL A 552 -2.40 -24.59 -13.54
N LYS A 553 -3.10 -25.20 -12.58
CA LYS A 553 -4.53 -24.98 -12.42
C LYS A 553 -4.80 -23.91 -11.37
N SER A 554 -3.75 -23.39 -10.76
CA SER A 554 -3.90 -22.27 -9.83
C SER A 554 -4.51 -21.09 -10.56
N GLN A 555 -5.50 -20.47 -9.93
CA GLN A 555 -6.10 -19.26 -10.47
C GLN A 555 -5.67 -18.06 -9.63
N ASN A 556 -4.67 -18.29 -8.77
CA ASN A 556 -4.01 -17.22 -8.04
C ASN A 556 -3.07 -16.42 -8.97
N ALA A 557 -3.28 -15.10 -9.04
CA ALA A 557 -2.56 -14.28 -10.03
C ALA A 557 -1.03 -14.28 -9.85
N GLU A 558 -0.56 -14.35 -8.62
CA GLU A 558 0.88 -14.34 -8.37
C GLU A 558 1.55 -15.62 -8.85
N VAL A 559 0.84 -16.74 -8.79
CA VAL A 559 1.36 -18.03 -9.19
C VAL A 559 1.20 -18.17 -10.70
N VAL A 560 0.08 -17.71 -11.23
CA VAL A 560 -0.10 -17.70 -12.69
C VAL A 560 1.03 -16.89 -13.34
N PHE A 561 1.31 -15.70 -12.84
CA PHE A 561 2.40 -14.94 -13.42
C PHE A 561 3.72 -15.71 -13.45
N LYS A 562 4.11 -16.28 -12.32
CA LYS A 562 5.38 -17.01 -12.27
C LYS A 562 5.42 -18.25 -13.15
N MET A 563 4.29 -18.95 -13.24
CA MET A 563 4.19 -20.09 -14.12
C MET A 563 4.50 -19.64 -15.54
N PHE A 564 3.97 -18.48 -15.92
CA PHE A 564 4.25 -17.93 -17.26
C PHE A 564 5.70 -17.57 -17.39
N LYS A 565 6.26 -16.97 -16.34
CA LYS A 565 7.65 -16.55 -16.41
C LYS A 565 8.55 -17.76 -16.57
N PHE A 566 8.17 -18.87 -15.95
CA PHE A 566 8.94 -20.08 -16.12
C PHE A 566 8.75 -20.65 -17.51
N GLN A 567 7.54 -20.57 -18.03
CA GLN A 567 7.25 -21.07 -19.37
C GLN A 567 8.02 -20.30 -20.47
N ILE A 568 7.98 -18.97 -20.44
CA ILE A 568 8.77 -18.12 -21.35
C ILE A 568 10.27 -18.38 -21.21
N PHE A 569 10.71 -18.66 -19.99
CA PHE A 569 12.12 -18.92 -19.75
C PHE A 569 12.52 -20.28 -20.26
N ALA A 570 11.60 -21.23 -20.19
CA ALA A 570 11.88 -22.56 -20.71
C ALA A 570 11.58 -22.58 -22.18
N LYS A 571 11.21 -21.41 -22.71
CA LYS A 571 10.87 -21.20 -24.13
C LYS A 571 9.89 -22.23 -24.68
N LEU A 572 8.81 -22.45 -23.95
CA LEU A 572 7.79 -23.38 -24.40
C LEU A 572 6.83 -22.63 -25.30
N GLN A 573 7.15 -22.62 -26.59
CA GLN A 573 6.50 -21.77 -27.58
C GLN A 573 4.98 -21.88 -27.60
N GLU A 574 4.47 -23.06 -27.26
CA GLU A 574 3.02 -23.28 -27.25
C GLU A 574 2.27 -22.53 -26.12
N GLU A 575 3.01 -22.07 -25.11
CA GLU A 575 2.42 -21.30 -24.01
C GLU A 575 2.32 -19.78 -24.28
N TYR A 576 3.19 -19.25 -25.14
CA TYR A 576 3.15 -17.82 -25.40
C TYR A 576 1.72 -17.29 -25.68
N LYS A 577 0.90 -18.03 -26.41
CA LYS A 577 -0.44 -17.51 -26.69
C LYS A 577 -1.27 -17.39 -25.42
N HIS A 578 -1.07 -18.31 -24.48
CA HIS A 578 -1.84 -18.28 -23.25
C HIS A 578 -1.43 -17.10 -22.35
N LEU A 579 -0.14 -16.76 -22.36
CA LEU A 579 0.34 -15.61 -21.62
C LEU A 579 -0.24 -14.36 -22.24
N ALA A 580 -0.26 -14.35 -23.57
CA ALA A 580 -0.77 -13.21 -24.32
C ALA A 580 -2.27 -13.01 -24.07
N ASP A 581 -3.03 -14.11 -24.05
CA ASP A 581 -4.45 -14.01 -23.79
C ASP A 581 -4.69 -13.52 -22.38
N TRP A 582 -3.90 -14.01 -21.43
CA TRP A 582 -4.03 -13.64 -20.02
C TRP A 582 -3.80 -12.15 -19.75
N LEU A 583 -2.84 -11.55 -20.44
CA LEU A 583 -2.55 -10.12 -20.28
C LEU A 583 -3.75 -9.21 -20.57
N GLY A 584 -4.79 -9.77 -21.19
CA GLY A 584 -5.99 -9.01 -21.51
C GLY A 584 -7.03 -9.14 -20.41
N THR A 585 -6.70 -9.91 -19.38
CA THR A 585 -7.63 -10.16 -18.27
C THR A 585 -7.16 -9.55 -16.96
N VAL A 586 -5.98 -8.94 -16.95
CA VAL A 586 -5.47 -8.30 -15.73
C VAL A 586 -5.02 -6.85 -15.96
N GLY A 587 -5.13 -6.03 -14.92
CA GLY A 587 -4.87 -4.61 -15.08
C GLY A 587 -3.71 -4.08 -14.25
N ARG A 588 -3.29 -4.87 -13.26
CA ARG A 588 -2.22 -4.46 -12.35
C ARG A 588 -0.86 -4.27 -13.00
N MET A 589 -0.27 -3.10 -12.80
CA MET A 589 1.07 -2.82 -13.29
C MET A 589 2.00 -3.97 -13.01
N LYS A 590 1.97 -4.43 -11.76
CA LYS A 590 2.80 -5.54 -11.26
C LYS A 590 2.84 -6.76 -12.19
N PHE A 591 1.73 -7.03 -12.89
CA PHE A 591 1.63 -8.15 -13.81
C PHE A 591 1.67 -7.75 -15.27
N VAL A 592 0.85 -6.77 -15.65
CA VAL A 592 0.74 -6.33 -17.03
C VAL A 592 2.07 -5.90 -17.61
N ARG A 593 2.75 -4.99 -16.91
CA ARG A 593 3.97 -4.41 -17.45
C ARG A 593 5.11 -5.42 -17.66
N PRO A 594 5.48 -6.18 -16.62
CA PRO A 594 6.48 -7.24 -16.81
C PRO A 594 5.96 -8.32 -17.78
N GLY A 595 4.66 -8.55 -17.74
CA GLY A 595 4.01 -9.47 -18.66
C GLY A 595 4.44 -9.26 -20.10
N TYR A 596 4.31 -8.03 -20.60
CA TYR A 596 4.71 -7.73 -21.97
C TYR A 596 6.22 -7.80 -22.16
N ARG A 597 6.99 -7.51 -21.11
CA ARG A 597 8.44 -7.59 -21.25
C ARG A 597 8.86 -9.04 -21.52
N LEU A 598 8.34 -9.96 -20.72
CA LEU A 598 8.53 -11.40 -20.95
C LEU A 598 8.23 -11.75 -22.38
N LEU A 599 6.96 -11.60 -22.73
CA LEU A 599 6.42 -11.88 -24.05
C LEU A 599 7.31 -11.33 -25.17
N ASN A 600 7.56 -10.02 -25.12
CA ASN A 600 8.43 -9.37 -26.09
C ASN A 600 9.79 -10.03 -26.28
N SER A 601 10.28 -10.69 -25.24
CA SER A 601 11.61 -11.27 -25.28
C SER A 601 11.65 -12.56 -26.10
N VAL A 602 10.49 -13.11 -26.43
CA VAL A 602 10.45 -14.39 -27.15
C VAL A 602 9.63 -14.41 -28.43
N ASP A 603 8.76 -13.40 -28.58
CA ASP A 603 7.85 -13.30 -29.72
C ASP A 603 7.40 -11.85 -29.85
N ARG A 604 8.25 -10.99 -30.41
CA ARG A 604 7.92 -9.57 -30.50
C ARG A 604 6.63 -9.34 -31.29
N ARG A 605 6.40 -10.15 -32.30
CA ARG A 605 5.22 -10.01 -33.12
C ARG A 605 3.95 -10.28 -32.30
N LEU A 606 3.92 -11.39 -31.58
CA LEU A 606 2.77 -11.69 -30.70
C LEU A 606 2.57 -10.60 -29.65
N ALA A 607 3.68 -10.06 -29.12
CA ALA A 607 3.62 -8.99 -28.14
C ALA A 607 2.93 -7.74 -28.71
N LEU A 608 3.42 -7.26 -29.86
CA LEU A 608 2.92 -6.03 -30.47
C LEU A 608 1.45 -6.17 -30.87
N ALA A 609 1.07 -7.37 -31.28
CA ALA A 609 -0.29 -7.64 -31.69
C ALA A 609 -1.17 -7.67 -30.47
N THR A 610 -0.66 -8.28 -29.40
CA THR A 610 -1.42 -8.40 -28.16
C THR A 610 -1.68 -7.02 -27.58
N PHE A 611 -0.64 -6.19 -27.54
CA PHE A 611 -0.83 -4.85 -27.04
C PHE A 611 -1.89 -4.11 -27.85
N ASP A 612 -1.78 -4.17 -29.18
CA ASP A 612 -2.72 -3.47 -30.05
C ASP A 612 -4.15 -3.93 -29.73
N LYS A 613 -4.33 -5.21 -29.50
CA LYS A 613 -5.64 -5.77 -29.15
C LYS A 613 -6.24 -5.21 -27.86
N PHE A 614 -5.40 -5.00 -26.84
CA PHE A 614 -5.86 -4.71 -25.47
C PHE A 614 -5.52 -3.31 -24.93
N LYS A 615 -4.63 -2.60 -25.61
CA LYS A 615 -4.11 -1.31 -25.14
C LYS A 615 -5.14 -0.36 -24.54
N ASP A 616 -6.37 -0.38 -25.06
CA ASP A 616 -7.37 0.59 -24.66
C ASP A 616 -8.27 0.07 -23.54
N THR A 617 -8.00 -1.14 -23.05
CA THR A 617 -8.72 -1.69 -21.89
C THR A 617 -7.94 -1.53 -20.57
N TYR A 618 -6.82 -0.83 -20.67
CA TYR A 618 -5.91 -0.65 -19.53
C TYR A 618 -6.03 0.76 -18.97
N HIS A 619 -5.65 0.91 -17.70
CA HIS A 619 -5.51 2.22 -17.10
C HIS A 619 -4.51 2.99 -17.96
N PRO A 620 -4.84 4.25 -18.31
CA PRO A 620 -3.99 5.05 -19.19
C PRO A 620 -2.50 4.98 -18.87
N ILE A 621 -2.13 4.96 -17.59
CA ILE A 621 -0.72 4.97 -17.21
C ILE A 621 -0.03 3.65 -17.55
N CYS A 622 -0.79 2.57 -17.49
CA CYS A 622 -0.31 1.26 -17.86
C CYS A 622 -0.14 1.17 -19.39
N LYS A 623 -1.08 1.77 -20.12
CA LYS A 623 -0.95 1.79 -21.57
C LYS A 623 0.25 2.60 -22.02
N ALA A 624 0.48 3.75 -21.39
CA ALA A 624 1.55 4.62 -21.85
C ALA A 624 2.93 4.00 -21.64
N LEU A 625 3.15 3.42 -20.45
CA LEU A 625 4.42 2.78 -20.12
C LEU A 625 4.68 1.57 -20.99
N VAL A 626 3.73 0.63 -20.99
CA VAL A 626 3.88 -0.54 -21.84
C VAL A 626 4.14 -0.17 -23.30
N LYS A 627 3.31 0.73 -23.85
CA LYS A 627 3.49 1.24 -25.21
C LYS A 627 4.93 1.66 -25.44
N GLN A 628 5.55 2.33 -24.48
CA GLN A 628 6.90 2.81 -24.70
C GLN A 628 7.97 1.75 -24.36
N ASP A 629 7.66 0.86 -23.42
CA ASP A 629 8.50 -0.30 -23.22
C ASP A 629 8.70 -1.05 -24.56
N LEU A 630 7.63 -1.17 -25.34
CA LEU A 630 7.68 -1.88 -26.62
C LEU A 630 8.21 -1.04 -27.77
N GLY A 631 8.95 0.02 -27.47
CA GLY A 631 9.49 0.93 -28.48
C GLY A 631 8.47 1.53 -29.44
N LEU A 632 7.21 1.55 -29.03
CA LEU A 632 6.17 2.23 -29.78
C LEU A 632 6.15 3.69 -29.36
#